data_8BJO
#
_entry.id   8BJO
#
_cell.length_a   33.930
_cell.length_b   39.880
_cell.length_c   42.580
_cell.angle_alpha   74.120
_cell.angle_beta   77.930
_cell.angle_gamma   69.780
#
_symmetry.space_group_name_H-M   'P 1'
#
loop_
_entity.id
_entity.type
_entity.pdbx_description
1 polymer 'Alginate lyase'
2 branched 'beta-D-mannopyranuronic acid-(1-4)-beta-D-mannopyranuronic acid-(1-4)-beta-D-mannopyranuronic acid-(1-4)-beta-D-mannopyranuronic acid-(1-4)-beta-D-mannopyranuronic acid-(1-4)-beta-D-mannopyranuronic acid'
3 non-polymer 'SULFATE ION'
4 water water
#
_entity_poly.entity_id   1
_entity_poly.type   'polypeptide(L)'
_entity_poly.pdbx_seq_one_letter_code
;EFLTAVSSIDTFLPVLNEAKLQWPTSALAASSEELLGGYVGSQFYLQDGKYMQFQIAGSSNRCELRQMIPDGGSEIGWAV
DDGTTHTATSSIVVPEQVDGVEEVTIMQIHSGEAPQLRISWIRSKSLDGVAYEDFIMSTVRIGTGDSSDNFVKTHLADRT
AGAMSFQIDVKDSKLTITVNGNVVVNGQDLSFWDGTDSCYFKAGAFNNNPTSESATARIKFAALAWVDHHHHHH
;
_entity_poly.pdbx_strand_id   A
#
loop_
_chem_comp.id
_chem_comp.type
_chem_comp.name
_chem_comp.formula
BEM D-saccharide, beta linking 'beta-D-mannopyranuronic acid' 'C6 H10 O7'
SO4 non-polymer 'SULFATE ION' 'O4 S -2'
#
# COMPACT_ATOMS: atom_id res chain seq x y z
N PHE A 2 -8.17 -8.47 25.10
CA PHE A 2 -7.45 -7.77 24.00
C PHE A 2 -8.03 -8.17 22.67
N LEU A 3 -7.84 -7.31 21.68
CA LEU A 3 -8.22 -7.68 20.33
C LEU A 3 -7.38 -8.85 19.87
N THR A 4 -7.93 -9.57 18.91
CA THR A 4 -7.25 -10.71 18.30
C THR A 4 -6.09 -10.24 17.43
N ALA A 5 -4.90 -10.80 17.69
CA ALA A 5 -3.70 -10.42 16.95
C ALA A 5 -3.72 -10.97 15.53
N VAL A 6 -3.23 -10.17 14.58
CA VAL A 6 -3.10 -10.64 13.20
C VAL A 6 -2.27 -11.91 13.14
N SER A 7 -1.22 -12.01 13.96
CA SER A 7 -0.30 -13.15 13.91
C SER A 7 -0.89 -14.41 14.51
N SER A 8 -2.14 -14.39 14.96
CA SER A 8 -2.73 -15.55 15.61
C SER A 8 -3.20 -16.61 14.62
N ILE A 9 -3.22 -16.28 13.32
CA ILE A 9 -3.51 -17.22 12.24
C ILE A 9 -2.29 -17.28 11.34
N ASP A 10 -2.31 -18.16 10.33
CA ASP A 10 -1.11 -18.36 9.53
C ASP A 10 -1.02 -17.39 8.36
N THR A 11 -2.14 -16.75 8.00
CA THR A 11 -2.29 -16.15 6.67
C THR A 11 -1.26 -15.07 6.39
N PHE A 12 -0.91 -14.25 7.39
CA PHE A 12 -0.08 -13.09 7.13
C PHE A 12 1.34 -13.26 7.65
N LEU A 13 1.71 -14.44 8.15
CA LEU A 13 3.06 -14.59 8.67
C LEU A 13 4.13 -14.32 7.63
N PRO A 14 3.99 -14.76 6.37
CA PRO A 14 5.05 -14.45 5.41
C PRO A 14 5.32 -12.96 5.28
N VAL A 15 4.29 -12.13 5.14
CA VAL A 15 4.60 -10.73 4.97
C VAL A 15 5.04 -10.10 6.29
N LEU A 16 4.49 -10.55 7.43
CA LEU A 16 4.93 -9.96 8.70
C LEU A 16 6.39 -10.29 8.97
N ASN A 17 6.89 -11.41 8.44
CA ASN A 17 8.29 -11.80 8.55
C ASN A 17 9.19 -10.91 7.71
N GLU A 18 8.59 -10.08 6.85
CA GLU A 18 9.32 -9.19 5.97
C GLU A 18 8.81 -7.76 6.13
N ALA A 19 8.48 -7.35 7.34
CA ALA A 19 7.83 -6.05 7.52
C ALA A 19 8.02 -5.53 8.93
N LYS A 20 8.07 -4.21 9.03
CA LYS A 20 7.87 -3.52 10.29
C LYS A 20 6.58 -2.71 10.17
N LEU A 21 5.96 -2.38 11.30
CA LEU A 21 4.77 -1.55 11.29
C LEU A 21 5.13 -0.12 11.70
N GLN A 22 4.74 0.83 10.88
CA GLN A 22 4.86 2.25 11.17
C GLN A 22 3.49 2.74 11.60
N TRP A 23 3.41 3.28 12.82
CA TRP A 23 2.14 3.80 13.33
C TRP A 23 2.44 4.67 14.52
N PRO A 24 1.78 5.83 14.67
CA PRO A 24 0.80 6.46 13.77
C PRO A 24 1.47 7.38 12.73
N THR A 25 2.81 7.34 12.73
CA THR A 25 3.60 8.14 11.79
C THR A 25 4.56 7.19 11.10
N SER A 26 5.62 7.76 10.49
CA SER A 26 6.69 6.90 9.98
C SER A 26 7.56 6.30 11.09
N ALA A 27 7.39 6.74 12.33
CA ALA A 27 8.08 6.14 13.45
C ALA A 27 7.69 4.68 13.63
N LEU A 28 8.64 3.88 14.08
CA LEU A 28 8.40 2.47 14.30
C LEU A 28 7.35 2.23 15.38
N ALA A 29 6.34 1.44 15.06
CA ALA A 29 5.42 0.91 16.06
C ALA A 29 5.77 -0.50 16.52
N ALA A 30 6.12 -1.38 15.59
CA ALA A 30 6.42 -2.77 15.93
C ALA A 30 7.44 -3.32 14.94
N SER A 31 8.45 -3.99 15.50
CA SER A 31 9.39 -4.76 14.68
C SER A 31 8.71 -5.99 14.09
N SER A 32 9.38 -6.57 13.09
CA SER A 32 8.87 -7.79 12.49
C SER A 32 8.59 -8.87 13.55
N GLU A 33 9.53 -9.08 14.49
CA GLU A 33 9.32 -10.10 15.52
C GLU A 33 8.14 -9.76 16.42
N GLU A 34 7.98 -8.47 16.72
CA GLU A 34 6.81 -8.06 17.48
C GLU A 34 5.52 -8.37 16.74
N LEU A 35 5.48 -8.10 15.42
CA LEU A 35 4.30 -8.40 14.63
C LEU A 35 4.04 -9.90 14.57
N LEU A 36 5.09 -10.70 14.42
CA LEU A 36 4.93 -12.14 14.39
C LEU A 36 4.57 -12.69 15.76
N GLY A 37 4.90 -11.94 16.81
CA GLY A 37 4.65 -12.32 18.18
C GLY A 37 3.48 -11.62 18.86
N GLY A 38 2.46 -11.26 18.11
CA GLY A 38 1.17 -10.90 18.68
C GLY A 38 0.90 -9.43 18.88
N TYR A 39 1.71 -8.54 18.30
CA TYR A 39 1.45 -7.12 18.46
C TYR A 39 0.05 -6.82 17.95
N VAL A 40 -0.71 -6.05 18.72
CA VAL A 40 -2.10 -5.81 18.39
C VAL A 40 -2.56 -4.50 19.02
N GLY A 41 -3.51 -3.85 18.36
CA GLY A 41 -4.19 -2.69 18.89
C GLY A 41 -5.35 -2.38 17.98
N SER A 42 -6.17 -1.41 18.39
CA SER A 42 -7.29 -1.00 17.53
C SER A 42 -6.80 -0.59 16.14
N GLN A 43 -5.56 -0.14 16.03
N GLN A 43 -5.56 -0.14 16.03
CA GLN A 43 -4.99 0.29 14.76
CA GLN A 43 -4.99 0.29 14.76
C GLN A 43 -4.58 -0.86 13.85
C GLN A 43 -4.60 -0.86 13.84
N PHE A 44 -4.44 -2.07 14.40
CA PHE A 44 -3.86 -3.21 13.67
C PHE A 44 -4.30 -4.49 14.39
N TYR A 45 -5.35 -5.13 13.88
CA TYR A 45 -5.88 -6.31 14.55
C TYR A 45 -6.54 -7.22 13.53
N LEU A 46 -6.79 -8.46 13.96
CA LEU A 46 -7.43 -9.46 13.12
C LEU A 46 -8.94 -9.28 13.19
N GLN A 47 -9.54 -9.02 12.04
CA GLN A 47 -10.92 -8.61 11.92
C GLN A 47 -11.70 -9.71 11.25
N ASP A 48 -12.88 -10.02 11.79
CA ASP A 48 -13.74 -11.05 11.23
C ASP A 48 -13.03 -12.38 11.17
N GLY A 49 -12.03 -12.56 12.04
CA GLY A 49 -11.22 -13.76 12.05
C GLY A 49 -10.37 -13.97 10.82
N LYS A 50 -10.21 -12.98 9.96
CA LYS A 50 -9.50 -13.28 8.72
C LYS A 50 -8.81 -12.09 8.07
N TYR A 51 -9.13 -10.87 8.44
CA TYR A 51 -8.55 -9.70 7.79
C TYR A 51 -7.53 -9.03 8.69
N MET A 52 -6.40 -8.68 8.10
CA MET A 52 -5.43 -7.78 8.72
C MET A 52 -5.95 -6.38 8.47
N GLN A 53 -6.49 -5.73 9.51
CA GLN A 53 -7.14 -4.44 9.35
C GLN A 53 -6.28 -3.32 9.94
N PHE A 54 -6.18 -2.24 9.16
CA PHE A 54 -5.45 -1.04 9.51
C PHE A 54 -6.46 0.09 9.72
N GLN A 55 -6.28 0.88 10.78
CA GLN A 55 -7.08 2.07 11.06
C GLN A 55 -6.19 3.23 11.46
N ILE A 56 -6.51 4.42 10.94
CA ILE A 56 -5.70 5.60 11.24
C ILE A 56 -6.53 6.85 10.96
N ALA A 57 -6.40 7.84 11.86
CA ALA A 57 -6.90 9.18 11.66
C ALA A 57 -5.75 10.18 11.61
N GLY A 58 -6.01 11.35 11.04
CA GLY A 58 -5.07 12.46 11.02
C GLY A 58 -4.36 12.63 9.68
N SER A 59 -4.03 13.88 9.37
CA SER A 59 -3.45 14.23 8.07
C SER A 59 -2.05 13.65 7.94
N SER A 60 -1.87 12.77 6.95
CA SER A 60 -0.59 12.13 6.66
C SER A 60 -0.14 11.18 7.77
N ASN A 61 -1.00 10.87 8.72
CA ASN A 61 -0.74 9.78 9.63
C ASN A 61 -0.93 8.46 8.90
N ARG A 62 -0.36 7.40 9.47
CA ARG A 62 -0.34 6.10 8.81
C ARG A 62 -0.41 4.98 9.82
N CYS A 63 -0.93 3.86 9.34
CA CYS A 63 -0.67 2.55 9.94
C CYS A 63 -0.28 1.70 8.74
N GLU A 64 1.02 1.47 8.59
CA GLU A 64 1.56 0.92 7.36
C GLU A 64 2.67 -0.08 7.64
N LEU A 65 2.60 -1.20 6.94
CA LEU A 65 3.72 -2.13 6.86
C LEU A 65 4.74 -1.59 5.88
N ARG A 66 6.00 -1.69 6.27
CA ARG A 66 7.16 -1.24 5.50
C ARG A 66 8.07 -2.45 5.27
N GLN A 67 8.38 -2.74 4.01
CA GLN A 67 9.14 -3.95 3.66
C GLN A 67 10.53 -4.02 4.28
N MET A 68 10.83 -5.15 4.88
CA MET A 68 12.10 -5.36 5.54
C MET A 68 12.77 -6.60 4.96
N ILE A 69 14.07 -6.65 5.17
CA ILE A 69 14.77 -7.89 4.82
C ILE A 69 14.17 -9.01 5.66
N PRO A 70 13.93 -10.19 5.09
CA PRO A 70 13.24 -11.25 5.83
C PRO A 70 14.03 -11.76 7.04
N ASP A 71 13.30 -12.41 7.94
CA ASP A 71 13.87 -13.13 9.08
C ASP A 71 14.66 -12.19 10.01
N GLY A 72 14.03 -11.07 10.34
CA GLY A 72 14.55 -10.15 11.34
C GLY A 72 15.58 -9.16 10.85
N GLY A 73 15.72 -8.98 9.53
CA GLY A 73 16.70 -8.07 8.96
C GLY A 73 16.24 -6.62 8.98
N SER A 74 17.10 -5.76 8.43
CA SER A 74 16.84 -4.34 8.52
C SER A 74 16.07 -3.89 7.27
N GLU A 75 15.96 -2.58 7.09
CA GLU A 75 15.16 -2.04 5.99
C GLU A 75 15.75 -2.48 4.65
N ILE A 76 14.89 -2.92 3.75
CA ILE A 76 15.34 -3.37 2.43
C ILE A 76 15.34 -2.20 1.46
N GLY A 77 16.15 -2.33 0.44
CA GLY A 77 16.12 -1.44 -0.68
C GLY A 77 16.43 -2.19 -1.94
N TRP A 78 15.64 -1.99 -2.98
CA TRP A 78 15.94 -2.64 -4.25
C TRP A 78 15.80 -1.67 -5.41
N ALA A 79 16.32 -2.10 -6.55
CA ALA A 79 16.30 -1.29 -7.76
C ALA A 79 15.17 -1.74 -8.68
N VAL A 80 14.64 -0.80 -9.47
CA VAL A 80 13.55 -1.13 -10.39
C VAL A 80 14.00 -1.92 -11.60
N ASP A 81 15.31 -2.07 -11.80
CA ASP A 81 15.85 -2.66 -13.02
C ASP A 81 16.95 -3.69 -12.74
N ASP A 82 16.86 -4.42 -11.62
CA ASP A 82 17.89 -5.42 -11.32
C ASP A 82 17.73 -6.71 -12.12
N GLY A 83 16.77 -6.77 -13.05
CA GLY A 83 16.49 -7.95 -13.83
C GLY A 83 15.51 -8.95 -13.21
N THR A 84 15.20 -8.82 -11.92
CA THR A 84 14.23 -9.71 -11.29
C THR A 84 12.86 -9.05 -11.37
N THR A 85 11.83 -9.73 -10.85
CA THR A 85 10.51 -9.14 -10.75
C THR A 85 10.20 -8.98 -9.26
N HIS A 86 10.02 -7.74 -8.83
CA HIS A 86 9.52 -7.48 -7.49
C HIS A 86 8.01 -7.39 -7.54
N THR A 87 7.35 -8.17 -6.71
CA THR A 87 5.91 -8.34 -6.80
C THR A 87 5.27 -8.18 -5.43
N ALA A 88 4.25 -7.33 -5.36
CA ALA A 88 3.38 -7.23 -4.20
C ALA A 88 1.98 -7.66 -4.65
N THR A 89 1.38 -8.59 -3.91
CA THR A 89 0.05 -9.10 -4.20
CA THR A 89 0.05 -9.10 -4.19
C THR A 89 -0.84 -8.92 -2.97
N SER A 90 -2.07 -8.52 -3.20
CA SER A 90 -2.95 -8.33 -2.06
C SER A 90 -4.37 -8.65 -2.46
N SER A 91 -5.20 -8.82 -1.43
CA SER A 91 -6.65 -8.88 -1.56
C SER A 91 -7.20 -7.96 -0.48
N ILE A 92 -7.93 -6.92 -0.88
CA ILE A 92 -8.27 -5.82 0.01
C ILE A 92 -9.76 -5.59 -0.03
N VAL A 93 -10.38 -5.52 1.15
CA VAL A 93 -11.74 -5.01 1.28
C VAL A 93 -11.61 -3.57 1.73
N VAL A 94 -12.01 -2.64 0.84
CA VAL A 94 -12.05 -1.22 1.12
C VAL A 94 -13.51 -0.92 1.52
N PRO A 95 -13.82 -0.75 2.80
CA PRO A 95 -15.19 -0.43 3.18
CA PRO A 95 -15.19 -0.43 3.18
C PRO A 95 -15.53 1.01 2.81
N GLU A 96 -16.81 1.32 2.91
CA GLU A 96 -17.22 2.71 2.78
C GLU A 96 -16.47 3.52 3.83
N GLN A 97 -15.79 4.60 3.41
CA GLN A 97 -15.00 5.40 4.34
C GLN A 97 -15.89 6.46 4.98
N VAL A 98 -15.67 6.68 6.28
CA VAL A 98 -16.46 7.68 7.01
C VAL A 98 -16.21 9.07 6.46
N ASP A 99 -17.22 9.93 6.62
CA ASP A 99 -17.11 11.34 6.28
C ASP A 99 -15.86 11.95 6.90
N GLY A 100 -15.15 12.76 6.12
CA GLY A 100 -13.90 13.33 6.53
C GLY A 100 -12.67 12.61 5.97
N VAL A 101 -12.82 11.35 5.58
CA VAL A 101 -11.76 10.60 4.94
C VAL A 101 -11.93 10.77 3.44
N GLU A 102 -10.88 11.25 2.77
CA GLU A 102 -10.99 11.66 1.37
C GLU A 102 -10.07 10.87 0.45
N GLU A 103 -8.94 10.37 0.95
CA GLU A 103 -8.04 9.54 0.15
C GLU A 103 -7.23 8.68 1.11
N VAL A 104 -7.11 7.40 0.79
CA VAL A 104 -6.38 6.47 1.64
C VAL A 104 -5.45 5.66 0.74
N THR A 105 -4.14 5.83 0.95
CA THR A 105 -3.13 5.04 0.28
C THR A 105 -3.05 3.66 0.93
N ILE A 106 -3.19 2.62 0.11
CA ILE A 106 -3.26 1.25 0.60
C ILE A 106 -2.08 0.38 0.16
N MET A 107 -1.39 0.72 -0.92
CA MET A 107 -0.14 0.07 -1.27
C MET A 107 0.79 1.13 -1.83
N GLN A 108 2.10 0.93 -1.61
CA GLN A 108 3.07 1.83 -2.22
C GLN A 108 4.30 1.09 -2.70
N ILE A 109 4.99 1.75 -3.63
CA ILE A 109 6.43 1.61 -3.83
C ILE A 109 7.03 2.94 -3.45
N HIS A 110 8.02 2.91 -2.55
CA HIS A 110 8.68 4.10 -2.04
C HIS A 110 10.19 3.87 -2.01
N SER A 111 10.93 4.96 -2.06
CA SER A 111 12.39 4.92 -1.99
C SER A 111 12.87 5.89 -0.90
N GLY A 112 14.16 6.20 -0.92
CA GLY A 112 14.66 7.19 0.03
C GLY A 112 14.09 8.58 -0.19
N GLU A 113 13.63 8.87 -1.41
CA GLU A 113 13.27 10.22 -1.81
C GLU A 113 11.78 10.47 -1.95
N ALA A 114 11.02 9.48 -2.42
CA ALA A 114 9.63 9.72 -2.78
C ALA A 114 8.87 8.44 -3.09
N PRO A 115 7.55 8.50 -3.22
CA PRO A 115 6.76 7.34 -3.64
C PRO A 115 6.80 7.19 -5.15
N GLN A 116 7.36 6.08 -5.61
CA GLN A 116 7.24 5.77 -7.03
C GLN A 116 5.79 5.47 -7.40
N LEU A 117 5.04 4.87 -6.48
CA LEU A 117 3.68 4.44 -6.77
C LEU A 117 2.88 4.50 -5.49
N ARG A 118 1.68 5.04 -5.57
CA ARG A 118 0.67 4.84 -4.55
C ARG A 118 -0.58 4.28 -5.22
N ILE A 119 -1.15 3.25 -4.64
CA ILE A 119 -2.50 2.82 -4.95
C ILE A 119 -3.35 3.35 -3.81
N SER A 120 -4.33 4.19 -4.14
CA SER A 120 -5.17 4.77 -3.10
C SER A 120 -6.64 4.69 -3.48
N TRP A 121 -7.48 4.56 -2.45
CA TRP A 121 -8.88 4.89 -2.59
C TRP A 121 -9.02 6.41 -2.52
N ILE A 122 -9.91 6.95 -3.32
CA ILE A 122 -10.18 8.37 -3.28
C ILE A 122 -11.67 8.60 -3.46
N ARG A 123 -12.19 9.56 -2.72
CA ARG A 123 -13.63 9.81 -2.71
C ARG A 123 -14.11 10.41 -4.03
N SER A 124 -13.39 11.38 -4.57
CA SER A 124 -13.78 12.03 -5.80
C SER A 124 -12.58 12.72 -6.40
N LYS A 125 -12.44 12.62 -7.72
CA LYS A 125 -11.26 13.15 -8.38
C LYS A 125 -11.54 13.27 -9.88
N SER A 126 -11.05 14.36 -10.49
CA SER A 126 -11.00 14.45 -11.95
C SER A 126 -9.64 13.94 -12.46
N LEU A 127 -9.69 13.06 -13.45
CA LEU A 127 -8.49 12.52 -14.11
C LEU A 127 -8.63 12.74 -15.62
N ASP A 128 -7.71 13.51 -16.19
CA ASP A 128 -7.65 13.72 -17.65
C ASP A 128 -8.99 14.22 -18.17
N GLY A 129 -9.58 15.16 -17.43
CA GLY A 129 -10.82 15.77 -17.83
C GLY A 129 -12.06 14.98 -17.50
N VAL A 130 -11.96 13.92 -16.70
CA VAL A 130 -13.06 12.98 -16.46
C VAL A 130 -13.25 12.81 -14.96
N ALA A 131 -14.47 13.04 -14.49
CA ALA A 131 -14.77 12.90 -13.07
C ALA A 131 -15.04 11.46 -12.68
N TYR A 132 -14.45 11.06 -11.55
CA TYR A 132 -14.65 9.73 -10.96
C TYR A 132 -14.98 9.90 -9.49
N GLU A 133 -15.75 8.94 -8.96
CA GLU A 133 -16.13 8.92 -7.56
C GLU A 133 -15.87 7.55 -6.97
N ASP A 134 -15.45 7.53 -5.71
CA ASP A 134 -15.39 6.34 -4.87
C ASP A 134 -14.67 5.20 -5.58
N PHE A 135 -13.37 5.41 -5.81
CA PHE A 135 -12.65 4.53 -6.71
C PHE A 135 -11.22 4.36 -6.25
N ILE A 136 -10.55 3.41 -6.88
CA ILE A 136 -9.16 3.07 -6.59
C ILE A 136 -8.30 3.63 -7.70
N MET A 137 -7.24 4.35 -7.32
CA MET A 137 -6.38 5.11 -8.21
C MET A 137 -4.94 4.65 -8.03
N SER A 138 -4.18 4.67 -9.14
CA SER A 138 -2.74 4.59 -9.03
C SER A 138 -2.16 5.97 -9.35
N THR A 139 -1.15 6.36 -8.59
CA THR A 139 -0.41 7.59 -8.82
C THR A 139 1.05 7.18 -8.94
N VAL A 140 1.62 7.37 -10.13
CA VAL A 140 3.01 7.04 -10.42
C VAL A 140 3.79 8.33 -10.56
N ARG A 141 4.94 8.42 -9.88
CA ARG A 141 5.86 9.54 -10.05
C ARG A 141 6.82 9.24 -11.17
N ILE A 142 6.86 10.13 -12.17
CA ILE A 142 7.89 10.13 -13.20
C ILE A 142 8.81 11.34 -13.06
N GLY A 143 8.70 12.05 -11.93
CA GLY A 143 9.52 13.19 -11.56
C GLY A 143 9.36 13.42 -10.08
N THR A 144 10.16 14.35 -9.56
CA THR A 144 10.15 14.68 -8.15
C THR A 144 9.45 16.01 -7.85
N GLY A 145 8.93 16.71 -8.86
CA GLY A 145 8.24 17.95 -8.65
C GLY A 145 6.77 17.76 -8.28
N ASP A 146 6.07 18.88 -8.16
CA ASP A 146 4.67 18.88 -7.76
C ASP A 146 3.71 19.12 -8.92
N SER A 147 4.18 19.58 -10.08
CA SER A 147 3.27 19.86 -11.18
C SER A 147 2.76 18.56 -11.82
N SER A 148 1.68 18.72 -12.58
CA SER A 148 0.97 17.59 -13.16
C SER A 148 1.89 16.62 -13.88
N ASP A 149 2.90 17.15 -14.60
CA ASP A 149 3.73 16.31 -15.46
C ASP A 149 4.62 15.37 -14.68
N ASN A 150 4.69 15.52 -13.36
CA ASN A 150 5.45 14.59 -12.54
C ASN A 150 4.68 13.32 -12.24
N PHE A 151 3.39 13.25 -12.55
CA PHE A 151 2.56 12.12 -12.16
C PHE A 151 1.84 11.55 -13.37
N VAL A 152 1.65 10.25 -13.32
CA VAL A 152 0.70 9.54 -14.16
C VAL A 152 -0.33 8.93 -13.22
N LYS A 153 -1.56 9.36 -13.36
CA LYS A 153 -2.65 8.94 -12.49
C LYS A 153 -3.64 8.15 -13.33
N THR A 154 -4.18 7.10 -12.75
CA THR A 154 -5.00 6.15 -13.47
C THR A 154 -6.15 5.67 -12.62
N HIS A 155 -7.32 5.54 -13.23
CA HIS A 155 -8.47 4.91 -12.61
C HIS A 155 -8.25 3.39 -12.68
N LEU A 156 -8.03 2.76 -11.54
CA LEU A 156 -7.79 1.33 -11.55
C LEU A 156 -9.08 0.55 -11.53
N ALA A 157 -10.07 1.01 -10.76
CA ALA A 157 -11.33 0.33 -10.58
C ALA A 157 -12.23 1.17 -9.70
N ASP A 158 -13.54 1.09 -9.90
CA ASP A 158 -14.45 1.60 -8.89
C ASP A 158 -14.38 0.72 -7.63
N ARG A 159 -14.53 1.35 -6.46
CA ARG A 159 -14.49 0.60 -5.21
C ARG A 159 -15.64 -0.41 -5.17
N THR A 160 -15.32 -1.64 -4.77
CA THR A 160 -16.31 -2.68 -4.61
C THR A 160 -16.53 -2.98 -3.13
N ALA A 161 -17.73 -3.52 -2.85
CA ALA A 161 -18.02 -4.01 -1.51
C ALA A 161 -17.13 -5.19 -1.16
N GLY A 162 -17.00 -6.12 -2.08
CA GLY A 162 -16.18 -7.28 -1.88
C GLY A 162 -14.70 -7.06 -2.10
N ALA A 163 -13.96 -8.10 -1.75
CA ALA A 163 -12.51 -8.07 -1.84
C ALA A 163 -12.08 -7.77 -3.27
N MET A 164 -11.04 -6.97 -3.38
CA MET A 164 -10.41 -6.59 -4.64
C MET A 164 -8.94 -7.02 -4.58
N SER A 165 -8.50 -7.75 -5.58
CA SER A 165 -7.11 -8.19 -5.62
C SER A 165 -6.29 -7.23 -6.45
N PHE A 166 -5.04 -7.07 -6.03
CA PHE A 166 -4.06 -6.23 -6.69
C PHE A 166 -2.76 -7.01 -6.82
N GLN A 167 -2.13 -6.89 -7.98
CA GLN A 167 -0.77 -7.35 -8.14
C GLN A 167 0.06 -6.23 -8.73
N ILE A 168 1.11 -5.84 -8.01
CA ILE A 168 2.09 -4.86 -8.46
C ILE A 168 3.34 -5.61 -8.89
N ASP A 169 3.72 -5.50 -10.16
CA ASP A 169 4.94 -6.12 -10.67
C ASP A 169 5.88 -5.01 -11.16
N VAL A 170 7.13 -5.06 -10.69
CA VAL A 170 8.20 -4.21 -11.20
C VAL A 170 9.27 -5.12 -11.81
N LYS A 171 9.55 -4.92 -13.10
CA LYS A 171 10.61 -5.65 -13.78
C LYS A 171 11.19 -4.77 -14.88
N ASP A 172 12.52 -4.60 -14.88
CA ASP A 172 13.22 -3.95 -15.99
C ASP A 172 12.70 -2.54 -16.21
N SER A 173 12.53 -1.82 -15.10
CA SER A 173 12.06 -0.43 -15.08
C SER A 173 10.64 -0.27 -15.62
N LYS A 174 9.83 -1.31 -15.56
CA LYS A 174 8.44 -1.24 -15.99
C LYS A 174 7.51 -1.73 -14.89
N LEU A 175 6.39 -1.05 -14.75
CA LEU A 175 5.42 -1.32 -13.70
C LEU A 175 4.13 -1.86 -14.32
N THR A 176 3.64 -2.97 -13.79
CA THR A 176 2.36 -3.53 -14.21
C THR A 176 1.48 -3.65 -12.97
N ILE A 177 0.23 -3.21 -13.10
CA ILE A 177 -0.75 -3.35 -12.03
C ILE A 177 -1.91 -4.16 -12.57
N THR A 178 -2.16 -5.29 -11.94
N THR A 178 -2.23 -5.25 -11.88
CA THR A 178 -3.31 -6.13 -12.19
CA THR A 178 -3.32 -6.14 -12.24
C THR A 178 -4.35 -5.81 -11.13
C THR A 178 -4.37 -6.07 -11.13
N VAL A 179 -5.63 -5.87 -11.52
CA VAL A 179 -6.73 -5.66 -10.59
C VAL A 179 -7.79 -6.72 -10.87
N ASN A 180 -8.10 -7.54 -9.85
CA ASN A 180 -9.04 -8.64 -10.01
C ASN A 180 -8.71 -9.47 -11.25
N GLY A 181 -7.41 -9.69 -11.47
CA GLY A 181 -6.96 -10.58 -12.54
C GLY A 181 -6.79 -9.94 -13.90
N ASN A 182 -7.17 -8.66 -14.05
CA ASN A 182 -7.08 -7.94 -15.30
C ASN A 182 -5.93 -6.94 -15.24
N VAL A 183 -5.10 -6.95 -16.29
CA VAL A 183 -4.03 -5.95 -16.35
C VAL A 183 -4.68 -4.61 -16.64
N VAL A 184 -4.48 -3.65 -15.74
CA VAL A 184 -5.00 -2.30 -15.91
C VAL A 184 -3.92 -1.32 -16.35
N VAL A 185 -2.76 -1.39 -15.69
CA VAL A 185 -1.58 -0.60 -16.05
C VAL A 185 -0.56 -1.60 -16.57
N ASN A 186 -0.16 -1.44 -17.84
CA ASN A 186 0.73 -2.41 -18.49
C ASN A 186 2.03 -1.70 -18.87
N GLY A 187 3.07 -1.95 -18.08
CA GLY A 187 4.39 -1.50 -18.41
C GLY A 187 4.61 0.00 -18.35
N GLN A 188 4.02 0.67 -17.36
CA GLN A 188 4.38 2.04 -17.06
C GLN A 188 5.89 2.21 -16.86
N ASP A 189 6.45 3.21 -17.51
CA ASP A 189 7.88 3.44 -17.44
C ASP A 189 8.29 3.97 -16.06
N LEU A 190 9.25 3.29 -15.41
CA LEU A 190 9.90 3.75 -14.18
C LEU A 190 11.37 4.18 -14.39
N SER A 191 11.77 4.42 -15.63
N SER A 191 11.76 4.42 -15.64
CA SER A 191 13.19 4.68 -15.90
CA SER A 191 13.15 4.73 -15.97
C SER A 191 13.68 5.97 -15.26
C SER A 191 13.66 5.93 -15.21
N PHE A 192 12.79 6.87 -14.84
CA PHE A 192 13.28 8.04 -14.11
C PHE A 192 14.02 7.63 -12.84
N TRP A 193 13.68 6.48 -12.29
CA TRP A 193 14.25 5.96 -11.05
C TRP A 193 15.46 5.06 -11.26
N ASP A 194 15.95 4.96 -12.50
CA ASP A 194 17.15 4.17 -12.75
C ASP A 194 18.32 4.76 -12.00
N GLY A 195 19.05 3.89 -11.30
CA GLY A 195 20.13 4.29 -10.45
C GLY A 195 19.78 4.26 -8.99
N THR A 196 18.49 4.29 -8.67
CA THR A 196 18.01 4.25 -7.30
C THR A 196 18.01 2.82 -6.78
N ASP A 197 18.56 2.61 -5.59
CA ASP A 197 18.68 1.26 -5.05
C ASP A 197 17.97 1.12 -3.70
N SER A 198 17.02 2.01 -3.42
CA SER A 198 16.41 2.11 -2.10
C SER A 198 14.90 1.87 -2.13
N CYS A 199 14.37 1.26 -3.20
CA CYS A 199 12.93 1.05 -3.28
C CYS A 199 12.47 -0.08 -2.36
N TYR A 200 11.21 0.03 -1.94
CA TYR A 200 10.62 -0.96 -1.05
C TYR A 200 9.10 -0.84 -1.16
N PHE A 201 8.42 -1.93 -0.82
CA PHE A 201 6.97 -1.93 -0.77
C PHE A 201 6.47 -1.44 0.58
N LYS A 202 5.29 -0.82 0.56
CA LYS A 202 4.50 -0.54 1.76
C LYS A 202 3.06 -0.96 1.49
N ALA A 203 2.32 -1.19 2.58
CA ALA A 203 0.89 -1.45 2.45
C ALA A 203 0.22 -1.22 3.80
N GLY A 204 -1.06 -0.82 3.76
CA GLY A 204 -1.81 -0.59 4.99
C GLY A 204 -2.80 0.53 4.75
N ALA A 205 -2.71 1.58 5.58
CA ALA A 205 -3.56 2.74 5.46
C ALA A 205 -2.72 3.97 5.75
N PHE A 206 -2.61 4.86 4.78
CA PHE A 206 -1.90 6.12 4.91
C PHE A 206 -2.88 7.20 4.46
N ASN A 207 -3.26 8.06 5.39
CA ASN A 207 -4.41 8.95 5.22
C ASN A 207 -4.00 10.29 4.60
N ASN A 208 -4.56 10.60 3.43
CA ASN A 208 -4.13 11.74 2.62
C ASN A 208 -5.23 12.80 2.54
N ASN A 209 -4.89 14.03 2.93
CA ASN A 209 -5.77 15.19 2.80
C ASN A 209 -7.18 14.97 3.33
N PRO A 210 -7.31 14.43 4.55
CA PRO A 210 -8.65 14.36 5.16
C PRO A 210 -9.22 15.76 5.43
N THR A 211 -10.55 15.84 5.46
CA THR A 211 -11.17 17.11 5.79
C THR A 211 -11.37 17.28 7.29
N SER A 212 -11.22 16.19 8.05
CA SER A 212 -11.30 16.17 9.50
C SER A 212 -10.11 15.41 10.06
N GLU A 213 -9.46 15.96 11.08
CA GLU A 213 -8.32 15.28 11.69
C GLU A 213 -8.76 14.08 12.51
N SER A 214 -10.03 13.98 12.86
CA SER A 214 -10.46 12.87 13.71
C SER A 214 -11.07 11.71 12.94
N ALA A 215 -11.37 11.86 11.66
CA ALA A 215 -12.03 10.79 10.91
C ALA A 215 -11.04 9.65 10.67
N THR A 216 -11.49 8.42 10.94
CA THR A 216 -10.60 7.26 10.92
C THR A 216 -10.79 6.48 9.63
N ALA A 217 -9.74 6.45 8.81
CA ALA A 217 -9.63 5.56 7.67
C ALA A 217 -9.49 4.11 8.15
N ARG A 218 -10.07 3.19 7.38
CA ARG A 218 -10.07 1.78 7.76
C ARG A 218 -9.99 0.91 6.51
N ILE A 219 -8.99 0.01 6.45
CA ILE A 219 -8.70 -0.80 5.27
C ILE A 219 -8.43 -2.23 5.73
N LYS A 220 -9.06 -3.21 5.07
CA LYS A 220 -8.91 -4.61 5.47
C LYS A 220 -8.19 -5.40 4.38
N PHE A 221 -7.15 -6.12 4.78
CA PHE A 221 -6.43 -7.03 3.89
C PHE A 221 -6.78 -8.48 4.17
N ALA A 222 -7.35 -9.16 3.18
CA ALA A 222 -7.53 -10.61 3.26
C ALA A 222 -6.26 -11.35 2.88
N ALA A 223 -5.36 -10.69 2.17
CA ALA A 223 -4.10 -11.30 1.75
C ALA A 223 -3.11 -10.19 1.51
N LEU A 224 -1.84 -10.45 1.79
CA LEU A 224 -0.76 -9.54 1.41
C LEU A 224 0.55 -10.31 1.36
N ALA A 225 1.29 -10.17 0.27
CA ALA A 225 2.60 -10.81 0.18
C ALA A 225 3.49 -9.95 -0.70
N TRP A 226 4.76 -9.82 -0.32
N TRP A 226 4.77 -9.97 -0.34
CA TRP A 226 5.74 -9.31 -1.26
CA TRP A 226 5.87 -9.30 -1.04
C TRP A 226 6.87 -10.30 -1.44
C TRP A 226 6.91 -10.36 -1.40
N VAL A 227 7.24 -10.48 -2.70
CA VAL A 227 8.13 -11.53 -3.17
C VAL A 227 9.05 -10.96 -4.23
N ASP A 228 10.20 -11.60 -4.42
CA ASP A 228 11.08 -11.30 -5.52
C ASP A 228 11.21 -12.57 -6.34
N HIS A 229 10.97 -12.45 -7.64
CA HIS A 229 11.11 -13.56 -8.56
C HIS A 229 12.35 -13.32 -9.41
C1 BEM B . 17.43 4.54 10.41
C2 BEM B . 16.34 4.10 9.46
O2 BEM B . 16.86 3.05 8.62
C3 BEM B . 15.16 3.62 10.23
O3 BEM B . 15.55 2.50 11.06
C4 BEM B . 14.65 4.70 11.13
O4 BEM B . 14.34 5.90 10.44
C5 BEM B . 15.74 5.15 12.10
O5 BEM B . 17.01 4.43 11.86
C6 BEM B . 15.19 4.89 13.46
O6B BEM B . 15.47 3.80 14.06
O6A BEM B . 14.45 5.76 13.98
O1 BEM B . 18.53 3.75 10.22
H1 BEM B . 17.67 5.46 10.23
H2 BEM B . 16.07 4.83 8.88
HO2 BEM B . 17.00 2.35 9.09
H3 BEM B . 14.47 3.33 9.60
HO3 BEM B . 14.87 2.02 11.22
H4 BEM B . 13.85 4.34 11.54
H5 BEM B . 15.94 6.09 12.01
HO1 BEM B . 18.82 3.87 9.43
C1 BEM B . 13.14 5.78 9.70
C2 BEM B . 12.66 7.16 9.32
O2 BEM B . 13.62 7.72 8.39
C3 BEM B . 11.40 7.13 8.55
O3 BEM B . 11.08 8.50 8.18
C4 BEM B . 11.56 6.24 7.35
O4 BEM B . 10.30 5.98 6.78
C5 BEM B . 12.06 4.87 7.80
O5 BEM B . 13.35 4.96 8.48
C6 BEM B . 12.15 3.90 6.66
O6B BEM B . 12.73 4.16 5.56
O6A BEM B . 11.61 2.78 6.83
H1 BEM B . 12.48 5.37 10.27
H2 BEM B . 12.57 7.68 10.13
HO2 BEM B . 13.32 8.45 8.08
H3 BEM B . 10.66 6.80 9.07
HO3 BEM B . 10.24 8.62 8.20
H4 BEM B . 12.14 6.69 6.72
H5 BEM B . 11.40 4.50 8.41
C1 BEM B . 9.94 6.85 5.74
C2 BEM B . 8.73 6.25 5.06
O2 BEM B . 7.71 6.00 6.05
C3 BEM B . 8.26 7.18 3.97
O3 BEM B . 7.02 6.67 3.47
C4 BEM B . 8.11 8.59 4.43
O4 BEM B . 8.15 9.44 3.30
C5 BEM B . 9.30 9.13 5.23
O5 BEM B . 9.70 8.21 6.27
C6 BEM B . 8.94 10.41 5.91
O6B BEM B . 9.46 11.48 5.50
O6A BEM B . 8.14 10.38 6.88
H1 BEM B . 10.65 6.91 5.08
H2 BEM B . 8.92 5.39 4.66
HO2 BEM B . 7.20 6.67 6.13
H3 BEM B . 8.91 7.18 3.26
HO3 BEM B . 6.42 7.26 3.54
H4 BEM B . 7.28 8.62 4.94
H5 BEM B . 10.03 9.27 4.60
C1 BEM B . 6.93 10.05 2.98
C2 BEM B . 7.09 11.22 2.03
O2 BEM B . 7.77 10.75 0.86
C3 BEM B . 5.75 11.77 1.70
O3 BEM B . 5.93 12.85 0.72
C4 BEM B . 4.79 10.75 1.15
O4 BEM B . 3.50 11.35 1.24
C5 BEM B . 4.76 9.52 2.07
O5 BEM B . 6.11 9.02 2.33
C6 BEM B . 4.15 8.29 1.52
O6B BEM B . 3.89 8.19 0.29
O6A BEM B . 3.99 7.34 2.33
H1 BEM B . 6.54 10.43 3.78
H2 BEM B . 7.63 11.93 2.42
HO2 BEM B . 8.61 10.89 0.94
H3 BEM B . 5.37 12.13 2.50
HO3 BEM B . 5.18 12.98 0.32
H4 BEM B . 5.03 10.50 0.25
H5 BEM B . 4.24 9.86 2.81
C1 BEM B . 2.80 11.34 0.00
C2 BEM B . 1.45 12.01 0.16
O2 BEM B . 1.68 13.35 0.64
C3 BEM B . 0.70 12.04 -1.11
O3 BEM B . -0.54 12.77 -0.94
C4 BEM B . 1.53 12.65 -2.24
O4 BEM B . 0.85 12.41 -3.48
C5 BEM B . 2.88 11.95 -2.32
O5 BEM B . 3.59 12.01 -1.05
C6 BEM B . 3.77 12.57 -3.38
O6B BEM B . 4.54 13.52 -3.09
O6A BEM B . 3.78 12.10 -4.54
H1 BEM B . 2.62 10.40 -0.24
H2 BEM B . 0.90 11.54 0.82
HO2 BEM B . 2.49 13.43 0.86
H3 BEM B . 0.47 11.13 -1.37
HO3 BEM B . -1.17 12.33 -1.29
H4 BEM B . 1.63 13.60 -2.10
H5 BEM B . 2.72 11.04 -2.59
C1 BEM B . 0.70 13.63 -4.23
C2 BEM B . 0.21 13.30 -5.60
O2 BEM B . -1.02 12.55 -5.48
C3 BEM B . -0.08 14.55 -6.35
O3 BEM B . -0.66 14.20 -7.63
C4 BEM B . -1.07 15.40 -5.64
O4 BEM B . -1.26 16.62 -6.37
C5 BEM B . -0.56 15.74 -4.26
O5 BEM B . -0.22 14.54 -3.51
C6 BEM B . -1.62 16.39 -3.44
O6B BEM B . -1.51 17.61 -3.22
O6A BEM B . -2.58 15.71 -2.95
H1 BEM B . 1.57 14.05 -4.34
H2 BEM B . 0.85 12.75 -6.07
HO2 BEM B . -1.49 12.88 -4.86
H3 BEM B . 0.74 15.03 -6.48
HO3 BEM B . -0.09 13.73 -8.06
H4 BEM B . -1.93 14.94 -5.59
HO4 BEM B . -1.63 16.45 -7.12
H5 BEM B . 0.20 16.34 -4.36
S SO4 C . -16.77 -4.16 6.67
O1 SO4 C . -17.26 -2.78 6.65
O2 SO4 C . -17.85 -5.05 7.08
O3 SO4 C . -16.33 -4.55 5.31
O4 SO4 C . -15.64 -4.19 7.57
#